data_2IPP
#
_entry.id   2IPP
#
_cell.length_a   85.580
_cell.length_b   85.580
_cell.length_c   34.390
_cell.angle_alpha   90.00
_cell.angle_beta   90.00
_cell.angle_gamma   90.00
#
_symmetry.space_group_name_H-M   'P 43'
#
loop_
_entity.id
_entity.type
_entity.pdbx_description
1 polymer 'Cathepsin B'
2 polymer 'Cathepsin B'
3 non-polymer 2-PYRIDINETHIOL
4 water water
#
loop_
_entity_poly.entity_id
_entity_poly.type
_entity_poly.pdbx_seq_one_letter_code
_entity_poly.pdbx_strand_id
1 'polypeptide(L)' LPASFDAREQWPQCPTIKEIRDQGSCGSCWAFGAVEAISDRICIHTN A
2 'polypeptide(L)'
;VSVEVSAEDLLTCCGSMCGDGCNGGYPAEAWNFWTRKGLVSGGLYESHVGCRPYSIPPCEHHVNGSRPPCTGEGDTPKCS
KICEPGYSPTYKQDKHYGYNSYSVSNSEKDIMAEIYKNGPVEGAFSVYSDFLLYKSGVYQHVTGEMMGGHAIRILGWGVE
NGTPYWLVANSWNTDWGDNGFFKILRGQDHCGIESEVVAGIPRTD
;
B
#
# COMPACT_ATOMS: atom_id res chain seq x y z
N LEU A 1 -1.60 24.48 -4.66
CA LEU A 1 -1.31 23.34 -3.76
C LEU A 1 -0.05 23.76 -2.98
N PRO A 2 0.05 23.30 -1.75
CA PRO A 2 1.25 23.61 -0.95
C PRO A 2 2.49 23.05 -1.62
N ALA A 3 3.64 23.54 -1.18
CA ALA A 3 4.96 23.11 -1.72
C ALA A 3 5.29 21.72 -1.19
N SER A 4 4.87 21.50 0.03
CA SER A 4 5.09 20.19 0.68
C SER A 4 3.75 19.79 1.27
N PHE A 5 3.45 18.54 1.35
CA PHE A 5 2.23 17.96 1.89
C PHE A 5 2.66 16.57 2.44
N ASP A 6 2.11 16.29 3.59
CA ASP A 6 2.34 15.02 4.28
C ASP A 6 1.00 14.57 4.88
N ALA A 7 0.39 13.58 4.29
CA ALA A 7 -0.90 13.05 4.78
C ALA A 7 -0.86 12.77 6.28
N ARG A 8 0.27 12.35 6.82
CA ARG A 8 0.45 12.00 8.23
C ARG A 8 0.33 13.16 9.22
N GLU A 9 0.42 14.34 8.69
CA GLU A 9 0.30 15.57 9.50
C GLU A 9 -1.10 16.14 9.32
N GLN A 10 -1.54 16.07 8.09
CA GLN A 10 -2.86 16.54 7.69
C GLN A 10 -3.99 15.77 8.38
N TRP A 11 -3.80 14.50 8.58
CA TRP A 11 -4.82 13.62 9.16
C TRP A 11 -4.26 12.76 10.28
N PRO A 12 -3.84 13.42 11.33
CA PRO A 12 -3.26 12.77 12.51
C PRO A 12 -4.27 11.86 13.21
N GLN A 13 -5.54 12.08 12.93
CA GLN A 13 -6.64 11.32 13.51
C GLN A 13 -6.83 9.96 12.83
N CYS A 14 -6.05 9.67 11.80
CA CYS A 14 -6.06 8.42 11.02
C CYS A 14 -4.69 7.74 11.23
N PRO A 15 -4.69 6.84 12.19
CA PRO A 15 -3.48 6.09 12.57
C PRO A 15 -2.90 5.19 11.51
N THR A 16 -3.72 4.80 10.56
CA THR A 16 -3.23 3.88 9.50
C THR A 16 -2.30 4.63 8.54
N ILE A 17 -2.41 5.95 8.50
CA ILE A 17 -1.54 6.73 7.59
C ILE A 17 -0.06 6.59 7.87
N LYS A 18 0.30 6.40 9.13
CA LYS A 18 1.68 6.26 9.58
C LYS A 18 2.16 4.81 9.64
N GLU A 19 1.20 3.90 9.60
CA GLU A 19 1.53 2.47 9.75
C GLU A 19 2.25 1.85 8.56
N ILE A 20 3.22 1.02 8.93
CA ILE A 20 4.02 0.25 7.96
C ILE A 20 3.72 -1.24 8.15
N ARG A 21 3.31 -1.83 7.04
CA ARG A 21 2.97 -3.28 7.02
C ARG A 21 4.20 -4.07 6.55
N ASP A 22 4.03 -5.37 6.43
CA ASP A 22 5.13 -6.25 5.93
C ASP A 22 4.41 -7.28 5.03
N GLN A 23 4.75 -7.30 3.75
CA GLN A 23 4.13 -8.22 2.81
C GLN A 23 4.71 -9.64 2.94
N GLY A 24 5.84 -9.75 3.58
CA GLY A 24 6.65 -10.91 3.86
C GLY A 24 7.25 -11.46 2.53
N SER A 25 7.44 -12.77 2.52
CA SER A 25 7.97 -13.47 1.33
C SER A 25 6.84 -13.76 0.35
N CYS A 26 6.31 -12.69 -0.24
CA CYS A 26 5.15 -12.84 -1.17
C CYS A 26 5.03 -11.57 -2.00
N GLY A 27 4.73 -11.72 -3.26
CA GLY A 27 4.54 -10.66 -4.24
C GLY A 27 3.11 -10.12 -4.15
N SER A 28 2.82 -9.60 -2.96
CA SER A 28 1.50 -9.09 -2.62
C SER A 28 1.42 -7.57 -2.53
N CYS A 29 2.51 -6.90 -2.81
CA CYS A 29 2.62 -5.46 -2.77
C CYS A 29 1.48 -4.80 -3.54
N TRP A 30 0.94 -5.45 -4.54
CA TRP A 30 -0.17 -4.92 -5.33
C TRP A 30 -1.42 -4.77 -4.42
N ALA A 31 -1.49 -5.66 -3.45
CA ALA A 31 -2.65 -5.68 -2.55
C ALA A 31 -2.37 -4.72 -1.40
N PHE A 32 -1.14 -4.74 -0.92
CA PHE A 32 -0.80 -3.83 0.21
C PHE A 32 -1.00 -2.36 -0.14
N GLY A 33 -0.52 -1.98 -1.30
CA GLY A 33 -0.64 -0.58 -1.79
C GLY A 33 -2.12 -0.16 -1.60
N ALA A 34 -2.95 -1.07 -2.05
CA ALA A 34 -4.40 -0.96 -2.04
C ALA A 34 -5.08 -0.87 -0.69
N VAL A 35 -4.93 -1.87 0.16
CA VAL A 35 -5.60 -1.91 1.46
C VAL A 35 -5.05 -0.84 2.40
N GLU A 36 -3.89 -0.36 2.07
CA GLU A 36 -3.21 0.67 2.90
C GLU A 36 -3.87 2.02 2.66
N ALA A 37 -4.09 2.31 1.40
CA ALA A 37 -4.70 3.56 0.93
C ALA A 37 -6.21 3.57 1.20
N ILE A 38 -6.76 2.36 1.19
CA ILE A 38 -8.19 2.14 1.44
C ILE A 38 -8.44 2.42 2.92
N SER A 39 -7.59 1.86 3.76
CA SER A 39 -7.65 2.05 5.22
C SER A 39 -7.69 3.56 5.48
N ASP A 40 -6.69 4.24 4.93
CA ASP A 40 -6.55 5.68 5.05
C ASP A 40 -7.81 6.45 4.65
N ARG A 41 -8.33 6.13 3.49
CA ARG A 41 -9.47 6.89 2.94
C ARG A 41 -10.78 6.72 3.66
N ILE A 42 -10.98 5.56 4.25
CA ILE A 42 -12.16 5.24 5.04
C ILE A 42 -12.16 6.24 6.18
N CYS A 43 -11.00 6.33 6.80
CA CYS A 43 -10.84 7.22 7.93
C CYS A 43 -11.04 8.68 7.55
N ILE A 44 -10.53 9.07 6.39
CA ILE A 44 -10.61 10.44 5.89
C ILE A 44 -12.01 10.85 5.47
N HIS A 45 -12.72 9.98 4.79
CA HIS A 45 -14.04 10.25 4.25
C HIS A 45 -15.20 10.01 5.20
N THR A 46 -14.96 9.47 6.37
CA THR A 46 -15.93 9.18 7.40
C THR A 46 -16.02 10.35 8.39
N ASN A 47 -17.13 10.37 9.11
CA ASN A 47 -17.21 11.40 10.20
C ASN A 47 -16.48 10.61 11.32
N VAL B 1 -13.49 7.21 12.02
CA VAL B 1 -13.65 5.75 11.95
C VAL B 1 -12.50 5.17 11.10
N SER B 2 -11.55 4.63 11.81
CA SER B 2 -10.41 3.98 11.15
C SER B 2 -10.47 2.47 11.43
N VAL B 3 -10.39 1.76 10.32
CA VAL B 3 -10.38 0.31 10.18
C VAL B 3 -9.08 -0.06 9.45
N GLU B 4 -8.49 -1.14 9.91
CA GLU B 4 -7.29 -1.69 9.28
C GLU B 4 -7.83 -2.73 8.30
N VAL B 5 -7.88 -2.34 7.06
CA VAL B 5 -8.38 -3.24 5.99
C VAL B 5 -7.31 -4.31 5.76
N SER B 6 -7.84 -5.53 5.72
CA SER B 6 -7.12 -6.77 5.53
C SER B 6 -6.58 -6.98 4.12
N ALA B 7 -5.27 -7.13 4.06
CA ALA B 7 -4.49 -7.41 2.87
C ALA B 7 -4.74 -8.87 2.48
N GLU B 8 -4.82 -9.73 3.48
CA GLU B 8 -5.11 -11.16 3.38
C GLU B 8 -6.39 -11.41 2.55
N ASP B 9 -7.44 -10.75 2.94
CA ASP B 9 -8.74 -10.82 2.26
C ASP B 9 -8.59 -10.45 0.78
N LEU B 10 -7.77 -9.43 0.56
CA LEU B 10 -7.58 -8.99 -0.83
C LEU B 10 -6.69 -9.98 -1.57
N LEU B 11 -5.58 -10.34 -0.98
CA LEU B 11 -4.62 -11.24 -1.61
C LEU B 11 -5.16 -12.60 -1.98
N THR B 12 -6.01 -13.13 -1.14
CA THR B 12 -6.56 -14.48 -1.27
C THR B 12 -7.91 -14.67 -1.88
N CYS B 13 -8.84 -13.74 -1.69
CA CYS B 13 -10.20 -13.94 -2.24
C CYS B 13 -10.38 -13.30 -3.58
N CYS B 14 -9.47 -12.46 -4.01
CA CYS B 14 -9.60 -11.88 -5.37
C CYS B 14 -9.14 -13.06 -6.22
N GLY B 15 -9.91 -13.40 -7.22
CA GLY B 15 -9.42 -14.61 -7.99
C GLY B 15 -8.31 -14.21 -8.94
N SER B 16 -8.52 -14.73 -10.14
CA SER B 16 -7.60 -14.46 -11.24
C SER B 16 -7.84 -13.04 -11.73
N MET B 17 -8.94 -12.37 -11.38
CA MET B 17 -9.12 -10.99 -11.90
C MET B 17 -8.02 -10.06 -11.40
N CYS B 18 -7.45 -10.37 -10.26
CA CYS B 18 -6.42 -9.58 -9.60
C CYS B 18 -5.02 -9.98 -10.03
N GLY B 19 -4.95 -11.16 -10.63
CA GLY B 19 -3.69 -11.70 -11.11
C GLY B 19 -3.41 -13.07 -10.56
N ASP B 20 -2.44 -13.18 -9.66
CA ASP B 20 -2.03 -14.49 -9.16
C ASP B 20 -1.43 -14.49 -7.77
N GLY B 21 -2.14 -13.94 -6.81
CA GLY B 21 -1.72 -13.91 -5.43
C GLY B 21 -0.31 -13.52 -5.15
N CYS B 22 0.42 -14.44 -4.52
CA CYS B 22 1.82 -14.16 -4.17
C CYS B 22 2.73 -14.01 -5.38
N ASN B 23 2.23 -14.37 -6.56
CA ASN B 23 3.08 -14.24 -7.78
C ASN B 23 2.75 -12.92 -8.46
N GLY B 24 2.34 -11.92 -7.69
CA GLY B 24 2.02 -10.60 -8.21
C GLY B 24 0.62 -10.46 -8.77
N GLY B 25 0.22 -9.23 -9.00
CA GLY B 25 -1.10 -8.88 -9.48
C GLY B 25 -1.27 -7.47 -10.00
N TYR B 26 -2.53 -7.10 -10.17
CA TYR B 26 -3.00 -5.84 -10.71
C TYR B 26 -3.68 -4.88 -9.77
N PRO B 27 -2.95 -3.84 -9.39
CA PRO B 27 -3.46 -2.81 -8.45
C PRO B 27 -4.84 -2.30 -8.76
N ALA B 28 -5.10 -1.97 -9.99
CA ALA B 28 -6.37 -1.43 -10.47
C ALA B 28 -7.58 -2.35 -10.29
N GLU B 29 -7.34 -3.62 -10.40
CA GLU B 29 -8.36 -4.66 -10.26
C GLU B 29 -8.63 -4.91 -8.78
N ALA B 30 -7.62 -4.63 -7.99
CA ALA B 30 -7.72 -4.76 -6.53
C ALA B 30 -8.73 -3.72 -6.00
N TRP B 31 -8.75 -2.56 -6.64
CA TRP B 31 -9.59 -1.45 -6.23
C TRP B 31 -11.03 -1.80 -6.64
N ASN B 32 -11.12 -2.33 -7.82
CA ASN B 32 -12.38 -2.77 -8.42
C ASN B 32 -13.03 -3.83 -7.54
N PHE B 33 -12.20 -4.75 -7.06
CA PHE B 33 -12.65 -5.85 -6.23
C PHE B 33 -13.37 -5.30 -4.99
N TRP B 34 -12.81 -4.31 -4.39
CA TRP B 34 -13.30 -3.65 -3.18
C TRP B 34 -14.65 -2.97 -3.42
N THR B 35 -14.84 -2.54 -4.64
CA THR B 35 -16.05 -1.89 -5.11
C THR B 35 -17.15 -2.94 -5.27
N ARG B 36 -16.76 -4.11 -5.77
CA ARG B 36 -17.76 -5.17 -6.02
C ARG B 36 -17.99 -6.07 -4.82
N LYS B 37 -16.91 -6.61 -4.28
CA LYS B 37 -17.04 -7.54 -3.16
C LYS B 37 -16.67 -6.96 -1.82
N GLY B 38 -16.09 -5.77 -1.78
CA GLY B 38 -15.73 -5.17 -0.49
C GLY B 38 -14.62 -5.95 0.18
N LEU B 39 -14.17 -5.44 1.33
CA LEU B 39 -13.06 -6.02 2.09
C LEU B 39 -13.22 -5.88 3.61
N VAL B 40 -12.91 -6.96 4.31
CA VAL B 40 -12.98 -7.02 5.78
C VAL B 40 -11.74 -6.35 6.41
N SER B 41 -11.83 -6.24 7.73
CA SER B 41 -10.75 -5.68 8.55
C SER B 41 -9.73 -6.82 8.74
N GLY B 42 -8.55 -6.51 9.16
CA GLY B 42 -7.50 -7.49 9.42
C GLY B 42 -6.16 -6.78 9.62
N GLY B 43 -5.56 -7.01 10.77
CA GLY B 43 -4.27 -6.34 11.07
C GLY B 43 -3.04 -7.12 10.62
N LEU B 44 -1.94 -6.71 11.28
CA LEU B 44 -0.60 -7.27 11.06
C LEU B 44 -0.55 -8.75 11.41
N TYR B 45 0.55 -9.38 10.99
CA TYR B 45 0.75 -10.80 11.24
C TYR B 45 0.78 -11.03 12.76
N GLU B 46 -0.06 -12.00 13.08
CA GLU B 46 -0.35 -12.49 14.42
C GLU B 46 -0.69 -11.41 15.42
N SER B 47 -1.51 -10.47 14.92
CA SER B 47 -2.01 -9.35 15.71
C SER B 47 -3.36 -9.67 16.36
N HIS B 48 -4.10 -10.61 15.77
CA HIS B 48 -5.45 -10.90 16.29
C HIS B 48 -6.35 -9.70 16.08
N VAL B 49 -5.94 -8.75 15.27
CA VAL B 49 -6.70 -7.54 14.96
C VAL B 49 -7.57 -7.91 13.76
N GLY B 50 -8.83 -7.52 13.87
CA GLY B 50 -9.80 -7.75 12.81
C GLY B 50 -10.06 -9.23 12.51
N CYS B 51 -10.92 -9.35 11.53
CA CYS B 51 -11.48 -10.56 10.95
C CYS B 51 -10.37 -11.40 10.31
N ARG B 52 -9.65 -10.82 9.35
CA ARG B 52 -8.59 -11.61 8.68
C ARG B 52 -7.20 -10.97 8.62
N PRO B 53 -6.49 -11.17 9.73
CA PRO B 53 -5.12 -10.69 9.84
C PRO B 53 -4.25 -11.43 8.82
N TYR B 54 -3.11 -10.86 8.48
CA TYR B 54 -2.15 -11.39 7.54
C TYR B 54 -1.50 -12.63 8.15
N SER B 55 -1.44 -13.69 7.38
CA SER B 55 -0.90 -14.97 7.80
C SER B 55 0.54 -15.25 7.37
N ILE B 56 1.13 -14.40 6.58
CA ILE B 56 2.53 -14.58 6.14
C ILE B 56 3.37 -13.75 7.08
N PRO B 57 4.35 -14.42 7.68
CA PRO B 57 5.22 -13.77 8.67
C PRO B 57 6.12 -12.72 8.04
N PRO B 58 6.53 -11.78 8.87
CA PRO B 58 7.44 -10.70 8.43
C PRO B 58 8.86 -11.24 8.34
N CYS B 59 9.70 -10.54 7.62
CA CYS B 59 11.11 -10.95 7.48
C CYS B 59 11.92 -9.67 7.21
N GLU B 60 13.19 -9.91 7.01
CA GLU B 60 14.20 -8.92 6.72
C GLU B 60 14.32 -8.80 5.21
N HIS B 61 13.89 -7.66 4.75
CA HIS B 61 13.90 -7.28 3.34
C HIS B 61 15.17 -6.51 2.99
N HIS B 62 16.14 -7.25 2.48
CA HIS B 62 17.43 -6.64 2.05
C HIS B 62 18.14 -5.87 3.15
N VAL B 63 17.96 -6.22 4.40
CA VAL B 63 18.59 -5.56 5.56
C VAL B 63 18.90 -6.66 6.60
N ASN B 64 19.57 -6.23 7.65
CA ASN B 64 19.91 -7.12 8.77
C ASN B 64 19.08 -6.70 9.98
N GLY B 65 18.61 -7.72 10.68
CA GLY B 65 17.74 -7.53 11.88
C GLY B 65 17.48 -8.96 12.41
N SER B 66 16.75 -9.04 13.48
CA SER B 66 16.38 -10.29 14.15
C SER B 66 15.65 -11.28 13.28
N ARG B 67 14.68 -10.81 12.53
CA ARG B 67 13.85 -11.66 11.68
C ARG B 67 14.69 -12.42 10.66
N PRO B 68 14.18 -13.60 10.32
CA PRO B 68 14.81 -14.41 9.26
C PRO B 68 14.63 -13.57 8.00
N PRO B 69 15.49 -13.76 7.03
CA PRO B 69 15.42 -13.03 5.76
C PRO B 69 14.28 -13.52 4.88
N CYS B 70 13.76 -12.62 4.07
CA CYS B 70 12.68 -13.00 3.16
C CYS B 70 13.26 -13.97 2.11
N THR B 71 12.62 -15.10 2.09
CA THR B 71 12.82 -16.28 1.28
C THR B 71 12.74 -16.07 -0.22
N GLY B 72 11.85 -15.27 -0.70
CA GLY B 72 11.62 -14.98 -2.12
C GLY B 72 10.07 -14.83 -2.17
N GLU B 73 9.45 -15.80 -2.82
CA GLU B 73 7.98 -15.80 -2.85
C GLU B 73 7.58 -17.22 -2.43
N GLY B 74 6.46 -17.23 -1.73
CA GLY B 74 5.98 -18.53 -1.21
C GLY B 74 4.62 -18.81 -1.87
N ASP B 75 3.81 -19.34 -1.00
CA ASP B 75 2.47 -19.78 -1.17
C ASP B 75 1.43 -18.70 -0.86
N THR B 76 0.47 -18.67 -1.77
CA THR B 76 -0.65 -17.79 -1.53
C THR B 76 -1.61 -18.61 -0.64
N PRO B 77 -1.92 -18.01 0.49
CA PRO B 77 -2.85 -18.61 1.46
C PRO B 77 -4.20 -18.73 0.76
N LYS B 78 -5.08 -19.47 1.39
CA LYS B 78 -6.42 -19.73 0.86
C LYS B 78 -7.44 -18.67 1.29
N CYS B 79 -8.42 -18.53 0.41
CA CYS B 79 -9.55 -17.64 0.59
C CYS B 79 -10.51 -18.43 1.52
N SER B 80 -10.68 -17.90 2.70
CA SER B 80 -11.57 -18.46 3.72
C SER B 80 -12.46 -17.26 4.07
N LYS B 81 -13.73 -17.40 3.78
CA LYS B 81 -14.74 -16.37 4.02
C LYS B 81 -15.40 -16.52 5.39
N ILE B 82 -14.55 -16.35 6.38
CA ILE B 82 -14.87 -16.47 7.79
C ILE B 82 -13.80 -15.66 8.53
N CYS B 83 -14.21 -15.12 9.67
CA CYS B 83 -13.33 -14.32 10.52
C CYS B 83 -12.57 -15.28 11.44
N GLU B 84 -11.43 -14.77 11.91
CA GLU B 84 -10.62 -15.57 12.85
C GLU B 84 -11.47 -15.76 14.10
N PRO B 85 -11.26 -16.86 14.80
CA PRO B 85 -12.00 -17.11 16.04
C PRO B 85 -11.70 -15.94 16.98
N GLY B 86 -12.67 -15.55 17.78
CA GLY B 86 -12.48 -14.44 18.74
C GLY B 86 -12.96 -13.14 18.15
N TYR B 87 -13.18 -13.08 16.85
CA TYR B 87 -13.63 -11.85 16.19
C TYR B 87 -15.14 -11.95 15.94
N SER B 88 -15.77 -10.82 16.16
CA SER B 88 -17.22 -10.61 15.99
C SER B 88 -17.36 -9.27 15.28
N PRO B 89 -18.23 -9.13 14.31
CA PRO B 89 -19.21 -10.11 13.86
C PRO B 89 -18.77 -11.03 12.75
N THR B 90 -19.71 -11.35 11.89
CA THR B 90 -19.51 -12.23 10.72
C THR B 90 -18.69 -11.58 9.63
N TYR B 91 -17.95 -12.42 8.90
CA TYR B 91 -17.12 -12.09 7.76
C TYR B 91 -17.87 -11.07 6.89
N LYS B 92 -18.97 -11.50 6.33
CA LYS B 92 -19.89 -10.71 5.50
C LYS B 92 -20.36 -9.40 6.15
N GLN B 93 -20.65 -9.37 7.45
CA GLN B 93 -21.05 -8.13 8.12
C GLN B 93 -19.82 -7.23 8.34
N ASP B 94 -18.61 -7.76 8.16
CA ASP B 94 -17.39 -6.94 8.37
C ASP B 94 -16.93 -6.33 7.06
N LYS B 95 -17.53 -6.67 5.94
CA LYS B 95 -17.12 -6.11 4.65
C LYS B 95 -17.25 -4.60 4.51
N HIS B 96 -16.17 -4.00 4.02
CA HIS B 96 -16.09 -2.53 3.78
C HIS B 96 -16.03 -2.39 2.26
N TYR B 97 -16.82 -1.57 1.63
CA TYR B 97 -16.94 -1.34 0.21
C TYR B 97 -16.54 0.04 -0.32
N GLY B 98 -16.24 -0.04 -1.63
CA GLY B 98 -15.84 1.18 -2.36
C GLY B 98 -17.03 1.68 -3.19
N TYR B 99 -17.13 2.96 -3.35
CA TYR B 99 -18.17 3.60 -4.15
C TYR B 99 -17.74 3.49 -5.62
N ASN B 100 -16.45 3.70 -5.78
CA ASN B 100 -15.81 3.70 -7.09
C ASN B 100 -14.30 3.50 -6.94
N SER B 101 -13.72 3.44 -8.12
CA SER B 101 -12.27 3.28 -8.32
C SER B 101 -11.96 3.92 -9.68
N TYR B 102 -10.78 4.49 -9.80
CA TYR B 102 -10.38 5.16 -11.05
C TYR B 102 -8.86 5.35 -11.09
N SER B 103 -8.37 5.52 -12.31
CA SER B 103 -6.95 5.76 -12.56
C SER B 103 -6.74 7.28 -12.50
N VAL B 104 -5.63 7.67 -11.94
CA VAL B 104 -5.27 9.13 -11.86
C VAL B 104 -4.34 9.41 -13.04
N SER B 105 -4.40 10.60 -13.58
CA SER B 105 -3.60 11.02 -14.72
C SER B 105 -2.12 11.04 -14.38
N ASN B 106 -1.38 10.78 -15.46
CA ASN B 106 0.09 10.77 -15.45
C ASN B 106 0.39 12.28 -15.54
N SER B 107 0.40 12.88 -14.39
CA SER B 107 0.56 14.33 -14.25
C SER B 107 0.74 14.66 -12.77
N GLU B 108 1.85 15.29 -12.49
CA GLU B 108 2.24 15.69 -11.14
C GLU B 108 1.12 16.38 -10.37
N LYS B 109 0.53 17.38 -11.03
CA LYS B 109 -0.53 18.20 -10.43
C LYS B 109 -1.83 17.44 -10.17
N ASP B 110 -2.22 16.56 -11.05
CA ASP B 110 -3.41 15.73 -10.90
C ASP B 110 -3.22 14.84 -9.65
N ILE B 111 -2.05 14.23 -9.58
CA ILE B 111 -1.68 13.35 -8.47
C ILE B 111 -1.61 14.16 -7.18
N MET B 112 -1.08 15.37 -7.25
CA MET B 112 -1.01 16.25 -6.05
C MET B 112 -2.44 16.57 -5.55
N ALA B 113 -3.25 17.06 -6.46
CA ALA B 113 -4.64 17.42 -6.19
C ALA B 113 -5.38 16.25 -5.55
N GLU B 114 -5.33 15.07 -6.16
CA GLU B 114 -6.02 13.86 -5.65
C GLU B 114 -5.65 13.54 -4.21
N ILE B 115 -4.35 13.43 -3.90
CA ILE B 115 -3.93 13.18 -2.51
C ILE B 115 -4.48 14.25 -1.56
N TYR B 116 -4.25 15.51 -1.86
CA TYR B 116 -4.66 16.69 -1.11
C TYR B 116 -6.17 16.69 -0.82
N LYS B 117 -6.90 16.30 -1.84
CA LYS B 117 -8.37 16.23 -1.78
C LYS B 117 -8.87 14.95 -1.16
N ASN B 118 -8.47 13.79 -1.64
CA ASN B 118 -8.96 12.52 -1.09
C ASN B 118 -8.02 11.63 -0.30
N GLY B 119 -6.75 11.94 -0.12
CA GLY B 119 -5.87 11.07 0.68
C GLY B 119 -4.96 10.19 -0.15
N PRO B 120 -4.18 9.40 0.57
CA PRO B 120 -3.18 8.51 -0.05
C PRO B 120 -3.73 7.63 -1.15
N VAL B 121 -2.89 7.56 -2.18
CA VAL B 121 -3.19 6.76 -3.37
C VAL B 121 -2.22 5.56 -3.46
N GLU B 122 -2.44 4.81 -4.53
CA GLU B 122 -1.58 3.66 -4.83
C GLU B 122 -0.96 3.91 -6.20
N GLY B 123 0.32 3.60 -6.24
CA GLY B 123 1.13 3.78 -7.47
C GLY B 123 2.06 2.57 -7.57
N ALA B 124 2.87 2.61 -8.59
CA ALA B 124 3.82 1.52 -8.89
C ALA B 124 4.98 2.05 -9.70
N PHE B 125 6.16 1.52 -9.49
CA PHE B 125 7.35 2.03 -10.24
C PHE B 125 8.29 0.85 -10.51
N SER B 126 9.18 0.96 -11.51
CA SER B 126 10.09 -0.20 -11.72
C SER B 126 11.26 -0.03 -10.74
N VAL B 127 11.55 -1.16 -10.12
CA VAL B 127 12.60 -1.27 -9.11
C VAL B 127 13.88 -1.74 -9.79
N TYR B 128 14.91 -0.95 -9.52
CA TYR B 128 16.28 -1.23 -10.03
C TYR B 128 17.11 -1.50 -8.77
N SER B 129 18.10 -2.27 -8.95
CA SER B 129 19.07 -2.74 -7.99
C SER B 129 19.50 -1.69 -6.96
N ASP B 130 19.81 -0.49 -7.40
CA ASP B 130 20.27 0.54 -6.42
C ASP B 130 19.24 0.96 -5.40
N PHE B 131 17.97 0.74 -5.65
CA PHE B 131 16.84 1.06 -4.79
C PHE B 131 16.86 0.29 -3.46
N LEU B 132 17.27 -0.95 -3.47
CA LEU B 132 17.25 -1.80 -2.28
C LEU B 132 18.02 -1.30 -1.08
N LEU B 133 19.05 -0.56 -1.39
CA LEU B 133 19.98 0.01 -0.41
C LEU B 133 19.51 1.36 0.14
N TYR B 134 18.32 1.78 -0.30
CA TYR B 134 17.77 3.06 0.14
C TYR B 134 17.86 3.18 1.66
N LYS B 135 18.35 4.33 2.11
CA LYS B 135 18.53 4.66 3.51
C LYS B 135 17.66 5.88 3.86
N SER B 136 17.97 6.97 3.20
CA SER B 136 17.33 8.27 3.32
C SER B 136 17.61 9.07 2.04
N GLY B 137 17.06 10.25 2.03
CA GLY B 137 17.16 11.25 0.98
C GLY B 137 16.08 11.00 -0.07
N VAL B 138 16.41 11.59 -1.21
CA VAL B 138 15.53 11.48 -2.41
C VAL B 138 16.15 10.45 -3.33
N TYR B 139 15.37 9.42 -3.64
CA TYR B 139 15.85 8.35 -4.51
C TYR B 139 15.77 8.83 -5.97
N GLN B 140 16.84 8.46 -6.64
CA GLN B 140 17.08 8.66 -8.06
C GLN B 140 17.89 7.47 -8.56
N HIS B 141 17.35 6.83 -9.58
CA HIS B 141 18.03 5.66 -10.15
C HIS B 141 19.26 6.15 -10.95
N VAL B 142 20.39 5.55 -10.65
CA VAL B 142 21.64 5.85 -11.37
C VAL B 142 22.14 4.51 -11.97
N THR B 143 22.48 3.56 -11.12
CA THR B 143 23.00 2.26 -11.51
C THR B 143 22.11 1.09 -11.14
N GLY B 144 22.53 -0.09 -11.61
CA GLY B 144 21.84 -1.34 -11.31
C GLY B 144 20.86 -1.80 -12.34
N GLU B 145 20.66 -3.12 -12.30
CA GLU B 145 19.76 -3.79 -13.25
C GLU B 145 18.35 -3.77 -12.67
N MET B 146 17.42 -4.00 -13.56
CA MET B 146 15.99 -4.02 -13.24
C MET B 146 15.59 -5.31 -12.54
N MET B 147 14.62 -5.19 -11.63
CA MET B 147 14.06 -6.26 -10.82
C MET B 147 12.56 -6.45 -11.19
N GLY B 148 11.80 -5.37 -11.23
CA GLY B 148 10.38 -5.49 -11.59
C GLY B 148 9.56 -4.29 -11.20
N GLY B 149 8.24 -4.46 -11.28
CA GLY B 149 7.29 -3.41 -10.88
C GLY B 149 7.00 -3.66 -9.39
N HIS B 150 6.73 -2.59 -8.69
CA HIS B 150 6.49 -2.65 -7.24
C HIS B 150 5.46 -1.60 -6.85
N ALA B 151 4.33 -2.12 -6.43
CA ALA B 151 3.17 -1.30 -5.99
C ALA B 151 3.46 -0.78 -4.58
N ILE B 152 3.08 0.45 -4.36
CA ILE B 152 3.30 1.23 -3.15
C ILE B 152 2.18 2.23 -2.83
N ARG B 153 2.34 2.90 -1.70
CA ARG B 153 1.42 3.95 -1.23
C ARG B 153 2.13 5.31 -1.17
N ILE B 154 1.65 6.21 -1.98
CA ILE B 154 2.05 7.61 -2.10
C ILE B 154 1.05 8.46 -1.22
N LEU B 155 1.66 9.11 -0.25
CA LEU B 155 0.91 9.90 0.75
C LEU B 155 1.35 11.34 0.98
N GLY B 156 2.10 11.89 0.02
CA GLY B 156 2.59 13.27 0.22
C GLY B 156 3.69 13.63 -0.75
N TRP B 157 4.18 14.86 -0.57
CA TRP B 157 5.23 15.37 -1.48
C TRP B 157 6.02 16.48 -0.79
N GLY B 158 7.18 16.77 -1.37
CA GLY B 158 8.05 17.82 -0.84
C GLY B 158 9.17 18.13 -1.86
N VAL B 159 10.07 18.95 -1.36
CA VAL B 159 11.24 19.41 -2.10
C VAL B 159 12.38 19.39 -1.09
N GLU B 160 13.49 18.80 -1.52
CA GLU B 160 14.66 18.76 -0.61
C GLU B 160 15.87 19.10 -1.45
N ASN B 161 16.66 20.08 -1.02
CA ASN B 161 17.83 20.51 -1.80
C ASN B 161 17.37 20.86 -3.22
N GLY B 162 16.18 21.41 -3.34
CA GLY B 162 15.63 21.82 -4.64
C GLY B 162 15.30 20.59 -5.49
N THR B 163 15.39 19.43 -4.86
CA THR B 163 15.04 18.16 -5.48
C THR B 163 13.63 17.82 -4.97
N PRO B 164 12.65 17.98 -5.83
CA PRO B 164 11.26 17.65 -5.49
C PRO B 164 11.08 16.12 -5.40
N TYR B 165 10.23 15.66 -4.49
CA TYR B 165 9.99 14.22 -4.35
C TYR B 165 8.52 13.88 -4.01
N TRP B 166 8.33 12.57 -4.01
CA TRP B 166 7.04 11.94 -3.65
C TRP B 166 7.33 11.24 -2.32
N LEU B 167 6.38 11.37 -1.40
CA LEU B 167 6.59 10.70 -0.11
C LEU B 167 5.83 9.37 -0.27
N VAL B 168 6.55 8.26 -0.19
CA VAL B 168 6.00 6.91 -0.33
C VAL B 168 6.26 5.98 0.86
N ALA B 169 5.29 5.09 1.05
CA ALA B 169 5.31 4.01 2.03
C ALA B 169 5.59 2.70 1.30
N ASN B 170 6.61 2.00 1.77
CA ASN B 170 7.02 0.69 1.25
C ASN B 170 6.40 -0.34 2.19
N SER B 171 6.37 -1.61 1.80
CA SER B 171 5.80 -2.61 2.74
C SER B 171 6.88 -3.68 3.04
N TRP B 172 8.04 -3.14 3.37
CA TRP B 172 9.21 -3.95 3.71
C TRP B 172 9.57 -3.75 5.18
N ASN B 173 8.53 -3.57 5.97
CA ASN B 173 8.66 -3.32 7.43
C ASN B 173 9.30 -1.93 7.62
N THR B 174 9.57 -1.64 8.85
CA THR B 174 10.10 -0.38 9.34
C THR B 174 11.62 -0.26 9.38
N ASP B 175 12.30 -1.36 9.34
CA ASP B 175 13.77 -1.42 9.41
C ASP B 175 14.39 -1.37 8.02
N TRP B 176 13.54 -1.06 7.05
CA TRP B 176 14.04 -0.89 5.68
C TRP B 176 13.83 0.63 5.43
N GLY B 177 14.71 1.21 4.65
CA GLY B 177 14.65 2.60 4.27
C GLY B 177 14.66 3.55 5.48
N ASP B 178 13.75 4.49 5.34
CA ASP B 178 13.58 5.53 6.39
C ASP B 178 12.34 5.17 7.22
N ASN B 179 12.57 4.31 8.20
CA ASN B 179 11.52 3.81 9.08
C ASN B 179 10.39 3.22 8.22
N GLY B 180 10.76 2.64 7.09
CA GLY B 180 9.77 2.02 6.21
C GLY B 180 9.29 2.92 5.08
N PHE B 181 9.68 4.19 5.15
CA PHE B 181 9.28 5.14 4.09
C PHE B 181 10.50 5.45 3.20
N PHE B 182 10.19 6.01 2.04
CA PHE B 182 11.19 6.44 1.06
C PHE B 182 10.62 7.69 0.33
N LYS B 183 11.51 8.43 -0.32
CA LYS B 183 11.16 9.58 -1.15
C LYS B 183 11.83 9.33 -2.53
N ILE B 184 11.15 9.60 -3.60
CA ILE B 184 11.60 9.43 -4.97
C ILE B 184 11.29 10.71 -5.77
N LEU B 185 12.16 11.02 -6.68
CA LEU B 185 12.08 12.14 -7.61
C LEU B 185 10.70 12.24 -8.22
N ARG B 186 10.18 13.47 -8.22
CA ARG B 186 8.83 13.74 -8.78
C ARG B 186 8.85 14.72 -9.94
N GLY B 187 7.88 14.58 -10.83
CA GLY B 187 7.68 15.47 -11.95
C GLY B 187 8.34 15.08 -13.23
N GLN B 188 9.07 14.00 -13.17
CA GLN B 188 9.83 13.46 -14.30
C GLN B 188 9.38 12.06 -14.70
N ASP B 189 8.29 11.62 -14.12
CA ASP B 189 7.69 10.30 -14.30
C ASP B 189 8.79 9.26 -14.02
N HIS B 190 9.56 9.56 -13.00
CA HIS B 190 10.72 8.73 -12.63
C HIS B 190 10.45 7.31 -12.15
N CYS B 191 10.99 6.40 -12.95
CA CYS B 191 10.91 4.94 -12.74
C CYS B 191 9.45 4.50 -12.94
N GLY B 192 8.68 5.38 -13.58
CA GLY B 192 7.26 5.22 -13.88
C GLY B 192 6.32 5.52 -12.71
N ILE B 193 6.76 6.24 -11.73
CA ILE B 193 6.07 6.60 -10.50
C ILE B 193 4.76 7.36 -10.64
N GLU B 194 4.59 8.07 -11.73
CA GLU B 194 3.35 8.84 -11.98
C GLU B 194 2.46 8.19 -13.04
N SER B 195 2.85 7.00 -13.49
CA SER B 195 2.22 6.23 -14.51
C SER B 195 1.11 5.26 -14.14
N GLU B 196 1.13 4.76 -12.92
CA GLU B 196 0.06 3.77 -12.59
C GLU B 196 -0.58 4.04 -11.26
N VAL B 197 -1.04 5.27 -11.11
CA VAL B 197 -1.71 5.78 -9.90
C VAL B 197 -3.19 5.41 -10.07
N VAL B 198 -3.74 4.86 -9.01
CA VAL B 198 -5.15 4.43 -8.98
C VAL B 198 -5.64 4.88 -7.59
N ALA B 199 -6.92 5.16 -7.50
CA ALA B 199 -7.49 5.53 -6.21
C ALA B 199 -8.98 5.23 -6.29
N GLY B 200 -9.74 5.64 -5.27
CA GLY B 200 -11.20 5.39 -5.28
C GLY B 200 -11.83 5.92 -4.02
N ILE B 201 -13.17 6.08 -4.09
CA ILE B 201 -13.82 6.66 -2.87
C ILE B 201 -14.62 5.61 -2.13
N PRO B 202 -14.40 5.59 -0.84
CA PRO B 202 -15.12 4.64 0.04
C PRO B 202 -16.61 4.87 0.00
N ARG B 203 -17.33 3.89 0.55
CA ARG B 203 -18.79 3.95 0.62
C ARG B 203 -19.30 4.25 2.03
N THR B 204 -19.62 5.52 2.26
CA THR B 204 -20.17 6.02 3.52
C THR B 204 -21.54 5.34 3.68
N ASP B 205 -21.46 4.21 4.36
CA ASP B 205 -22.67 3.40 4.65
C ASP B 205 -22.51 2.80 6.06
#